data_9IRE
#
_entry.id   9IRE
#
_cell.length_a   99.009
_cell.length_b   99.009
_cell.length_c   61.253
_cell.angle_alpha   90.000
_cell.angle_beta   90.000
_cell.angle_gamma   90.000
#
_symmetry.space_group_name_H-M   'P 4 21 2'
#
loop_
_entity.id
_entity.type
_entity.pdbx_description
1 polymer 'Ferric uptake regulation protein'
2 non-polymer 'ZINC ION'
3 non-polymer 'MAGNESIUM ION'
#
_entity_poly.entity_id   1
_entity_poly.type   'polypeptide(L)'
_entity_poly.pdbx_seq_one_letter_code
;MEERIERIKKQLHAASYKLTPQREATVRVLLENEEDHLSAEDVYLLVKEKSPEIGLATVYRTLELLSELKVVDKINFGDG
VSRYDLRQEGAQRFHHHLICTQCGAVQEIQEDLLGEVERKVEHDWSFKVKDHRLTFHGICKNCQENETDEK
;
_entity_poly.pdbx_strand_id   A,B
#
loop_
_chem_comp.id
_chem_comp.type
_chem_comp.name
_chem_comp.formula
MG non-polymer 'MAGNESIUM ION' 'Mg 2'
ZN non-polymer 'ZINC ION' 'Zn 2'
#
# COMPACT_ATOMS: atom_id res chain seq x y z
N MET A 1 -26.94 -1.87 28.76
CA MET A 1 -26.01 -1.36 27.74
C MET A 1 -26.33 -1.99 26.39
N GLU A 2 -26.47 -3.32 26.36
CA GLU A 2 -26.65 -4.01 25.05
C GLU A 2 -27.84 -3.42 24.29
N GLU A 3 -28.75 -2.78 25.01
CA GLU A 3 -29.88 -2.10 24.34
C GLU A 3 -29.29 -0.93 23.55
N ARG A 4 -28.43 -0.15 24.19
CA ARG A 4 -27.82 1.01 23.51
C ARG A 4 -27.05 0.54 22.29
N ILE A 5 -26.53 -0.69 22.30
CA ILE A 5 -25.72 -1.07 21.16
C ILE A 5 -26.61 -1.34 19.97
N GLU A 6 -27.73 -1.99 20.26
CA GLU A 6 -28.74 -2.26 19.27
C GLU A 6 -29.29 -0.95 18.69
N ARG A 7 -29.64 0.00 19.57
CA ARG A 7 -29.91 1.36 19.12
C ARG A 7 -28.85 1.87 18.15
N ILE A 8 -27.58 1.84 18.56
CA ILE A 8 -26.48 2.23 17.68
C ILE A 8 -26.53 1.47 16.36
N LYS A 9 -26.82 0.16 16.41
CA LYS A 9 -26.94 -0.58 15.17
C LYS A 9 -28.01 0.03 14.27
N LYS A 10 -29.20 0.26 14.83
CA LYS A 10 -30.26 0.85 14.03
C LYS A 10 -29.87 2.24 13.52
N GLN A 11 -29.23 3.06 14.37
CA GLN A 11 -28.60 4.33 13.96
C GLN A 11 -27.87 4.19 12.64
N LEU A 12 -26.82 3.35 12.63
CA LEU A 12 -25.97 3.22 11.44
C LEU A 12 -26.73 2.71 10.21
N HIS A 13 -27.60 1.70 10.36
CA HIS A 13 -28.37 1.25 9.20
C HIS A 13 -29.07 2.42 8.51
N ALA A 14 -29.59 3.37 9.29
CA ALA A 14 -30.24 4.53 8.69
C ALA A 14 -29.24 5.35 7.92
N ALA A 15 -28.20 5.80 8.62
CA ALA A 15 -27.13 6.58 7.99
C ALA A 15 -26.66 5.96 6.68
N SER A 16 -26.79 4.64 6.53
CA SER A 16 -26.20 3.97 5.39
C SER A 16 -27.08 4.03 4.16
N TYR A 17 -28.37 3.70 4.28
CA TYR A 17 -29.19 3.93 3.09
C TYR A 17 -29.63 5.39 3.02
N LYS A 18 -29.18 6.19 3.99
CA LYS A 18 -29.04 7.62 3.82
C LYS A 18 -27.90 7.96 2.87
N LEU A 19 -26.74 7.33 3.04
CA LEU A 19 -25.50 7.74 2.41
C LEU A 19 -25.18 6.97 1.15
N THR A 20 -25.97 6.04 0.75
CA THR A 20 -25.56 5.27 -0.41
C THR A 20 -25.46 6.08 -1.72
N PRO A 21 -26.29 7.10 -1.97
CA PRO A 21 -26.13 7.84 -3.24
C PRO A 21 -24.71 8.29 -3.50
N GLN A 22 -24.06 8.89 -2.52
CA GLN A 22 -22.68 9.30 -2.74
C GLN A 22 -21.71 8.11 -2.72
N ARG A 23 -22.12 6.97 -2.15
CA ARG A 23 -21.36 5.74 -2.30
C ARG A 23 -21.37 5.26 -3.76
N GLU A 24 -22.55 5.27 -4.39
CA GLU A 24 -22.67 4.75 -5.75
C GLU A 24 -21.91 5.61 -6.74
N ALA A 25 -21.91 6.93 -6.52
CA ALA A 25 -21.18 7.89 -7.35
C ALA A 25 -19.71 7.52 -7.46
N THR A 26 -19.08 7.20 -6.32
CA THR A 26 -17.67 6.83 -6.24
C THR A 26 -17.42 5.46 -6.85
N VAL A 27 -18.26 4.49 -6.53
CA VAL A 27 -18.04 3.14 -7.07
C VAL A 27 -18.13 3.15 -8.60
N ARG A 28 -18.97 4.03 -9.17
CA ARG A 28 -18.99 4.23 -10.64
C ARG A 28 -17.62 4.57 -11.21
N VAL A 29 -17.09 5.70 -10.80
CA VAL A 29 -15.79 6.19 -11.23
C VAL A 29 -14.76 5.06 -11.26
N LEU A 30 -14.73 4.24 -10.21
CA LEU A 30 -13.79 3.12 -10.18
C LEU A 30 -14.07 2.16 -11.33
N LEU A 31 -15.34 1.78 -11.47
CA LEU A 31 -15.67 0.74 -12.42
C LEU A 31 -15.44 1.23 -13.85
N GLU A 32 -15.77 2.50 -14.09
CA GLU A 32 -15.56 3.09 -15.41
C GLU A 32 -14.10 3.06 -15.83
N ASN A 33 -13.16 2.96 -14.89
CA ASN A 33 -11.73 3.07 -15.19
C ASN A 33 -10.94 1.92 -14.58
N GLU A 34 -11.31 0.66 -14.88
CA GLU A 34 -10.64 -0.44 -14.20
C GLU A 34 -9.21 -0.64 -14.67
N GLU A 35 -8.89 -0.11 -15.85
CA GLU A 35 -7.54 -0.25 -16.39
C GLU A 35 -6.58 0.73 -15.72
N ASP A 36 -7.05 1.94 -15.43
CA ASP A 36 -6.29 2.87 -14.62
C ASP A 36 -6.22 2.37 -13.17
N HIS A 37 -5.26 2.91 -12.42
CA HIS A 37 -5.16 2.65 -10.98
C HIS A 37 -5.27 4.01 -10.27
N LEU A 38 -6.49 4.40 -9.89
CA LEU A 38 -6.77 5.78 -9.49
C LEU A 38 -6.34 6.10 -8.06
N SER A 39 -5.65 7.23 -7.91
CA SER A 39 -5.40 7.72 -6.56
C SER A 39 -6.67 8.37 -6.03
N ALA A 40 -6.76 8.49 -4.71
CA ALA A 40 -7.97 9.11 -4.14
C ALA A 40 -8.26 10.45 -4.81
N GLU A 41 -7.23 11.32 -4.90
CA GLU A 41 -7.29 12.58 -5.64
C GLU A 41 -7.94 12.40 -7.00
N ASP A 42 -7.49 11.38 -7.76
CA ASP A 42 -8.06 11.10 -9.08
C ASP A 42 -9.55 10.86 -9.01
N VAL A 43 -9.97 9.80 -8.33
CA VAL A 43 -11.37 9.57 -8.03
C VAL A 43 -12.08 10.88 -7.72
N TYR A 44 -11.56 11.65 -6.76
CA TYR A 44 -12.26 12.84 -6.31
C TYR A 44 -12.65 13.69 -7.48
N LEU A 45 -11.66 14.05 -8.30
CA LEU A 45 -11.92 14.81 -9.53
C LEU A 45 -13.00 14.15 -10.38
N LEU A 46 -12.87 12.87 -10.68
CA LEU A 46 -13.79 12.26 -11.62
C LEU A 46 -15.21 12.21 -11.07
N VAL A 47 -15.38 12.35 -9.75
CA VAL A 47 -16.69 12.23 -9.12
C VAL A 47 -17.42 13.57 -9.09
N LYS A 48 -16.70 14.69 -9.12
CA LYS A 48 -17.35 15.98 -9.27
C LYS A 48 -17.72 16.28 -10.73
N GLU A 49 -17.25 15.46 -11.66
CA GLU A 49 -17.68 15.60 -13.04
C GLU A 49 -19.12 15.15 -13.23
N LYS A 50 -19.69 14.43 -12.26
CA LYS A 50 -21.08 14.00 -12.30
C LYS A 50 -21.82 14.49 -11.06
N SER A 51 -21.23 14.26 -9.89
CA SER A 51 -21.92 14.43 -8.62
C SER A 51 -21.15 15.37 -7.70
N PRO A 52 -20.89 16.63 -8.14
CA PRO A 52 -19.98 17.51 -7.39
C PRO A 52 -20.50 18.09 -6.07
N GLU A 53 -21.65 17.63 -5.59
CA GLU A 53 -22.15 17.93 -4.25
C GLU A 53 -21.73 16.86 -3.27
N ILE A 54 -20.42 16.61 -3.23
CA ILE A 54 -19.87 15.36 -2.73
C ILE A 54 -18.90 15.60 -1.56
N GLY A 55 -17.97 16.52 -1.73
CA GLY A 55 -16.93 16.68 -0.72
C GLY A 55 -15.90 15.58 -0.77
N LEU A 56 -14.66 15.88 -0.40
CA LEU A 56 -13.60 14.89 -0.57
C LEU A 56 -13.69 13.81 0.49
N ALA A 57 -14.07 14.17 1.72
CA ALA A 57 -14.03 13.20 2.82
C ALA A 57 -14.93 12.00 2.52
N THR A 58 -16.12 12.24 1.98
CA THR A 58 -16.96 11.10 1.69
C THR A 58 -16.38 10.22 0.61
N VAL A 59 -15.53 10.76 -0.28
CA VAL A 59 -14.97 9.91 -1.32
C VAL A 59 -13.91 9.01 -0.70
N TYR A 60 -12.91 9.60 -0.07
CA TYR A 60 -11.88 8.88 0.66
C TYR A 60 -12.46 7.79 1.57
N ARG A 61 -13.34 8.19 2.47
CA ARG A 61 -13.94 7.23 3.39
C ARG A 61 -14.57 6.09 2.61
N THR A 62 -15.17 6.35 1.44
CA THR A 62 -15.65 5.25 0.62
C THR A 62 -14.48 4.42 0.13
N LEU A 63 -13.44 5.08 -0.38
CA LEU A 63 -12.32 4.36 -0.97
C LEU A 63 -11.69 3.48 0.06
N GLU A 64 -11.55 4.01 1.26
CA GLU A 64 -10.94 3.23 2.30
C GLU A 64 -11.84 2.07 2.70
N LEU A 65 -13.12 2.34 2.96
CA LEU A 65 -14.05 1.25 3.22
C LEU A 65 -14.00 0.16 2.15
N LEU A 66 -13.89 0.55 0.88
CA LEU A 66 -13.88 -0.42 -0.22
C LEU A 66 -12.60 -1.24 -0.28
N SER A 67 -11.46 -0.66 0.11
CA SER A 67 -10.26 -1.45 0.29
C SER A 67 -10.27 -2.20 1.59
N GLU A 68 -11.07 -1.75 2.56
CA GLU A 68 -11.33 -2.57 3.73
C GLU A 68 -11.96 -3.87 3.30
N LEU A 69 -12.87 -3.80 2.32
CA LEU A 69 -13.73 -4.91 1.90
C LEU A 69 -13.12 -5.73 0.78
N LYS A 70 -11.84 -5.55 0.49
CA LYS A 70 -11.11 -6.18 -0.62
C LYS A 70 -11.72 -5.89 -1.99
N VAL A 71 -12.78 -5.05 -2.07
CA VAL A 71 -13.37 -4.70 -3.37
C VAL A 71 -12.29 -4.11 -4.28
N VAL A 72 -11.45 -3.21 -3.71
CA VAL A 72 -10.25 -2.60 -4.31
C VAL A 72 -9.03 -2.86 -3.42
N ASP A 73 -7.85 -2.39 -3.88
CA ASP A 73 -6.59 -2.66 -3.20
C ASP A 73 -5.69 -1.42 -3.25
N LYS A 74 -5.09 -1.06 -2.10
CA LYS A 74 -4.20 0.10 -2.09
C LYS A 74 -2.82 -0.32 -2.53
N ILE A 75 -2.14 0.58 -3.22
CA ILE A 75 -0.92 0.20 -3.91
C ILE A 75 -0.07 1.46 -4.10
N ASN A 76 1.17 1.43 -3.60
CA ASN A 76 2.13 2.40 -4.06
C ASN A 76 2.87 1.82 -5.26
N PHE A 77 3.44 2.68 -6.09
CA PHE A 77 4.14 2.18 -7.27
C PHE A 77 5.61 2.56 -7.26
N GLY A 78 6.08 3.16 -6.17
CA GLY A 78 7.35 3.86 -6.13
C GLY A 78 7.20 5.32 -6.41
N ASP A 79 6.01 5.76 -6.82
CA ASP A 79 5.73 7.18 -7.03
C ASP A 79 5.18 7.86 -5.78
N GLY A 80 5.10 7.14 -4.65
CA GLY A 80 4.72 7.73 -3.38
C GLY A 80 3.33 8.38 -3.39
N VAL A 81 2.37 7.62 -3.91
CA VAL A 81 0.97 8.00 -4.10
C VAL A 81 0.16 6.74 -3.84
N SER A 82 -0.74 6.78 -2.88
CA SER A 82 -1.54 5.61 -2.63
C SER A 82 -2.66 5.60 -3.67
N ARG A 83 -2.85 4.45 -4.35
CA ARG A 83 -3.77 4.32 -5.49
C ARG A 83 -4.70 3.14 -5.29
N TYR A 84 -5.95 3.24 -5.76
CA TYR A 84 -6.97 2.22 -5.46
C TYR A 84 -7.24 1.31 -6.66
N ASP A 85 -6.75 0.07 -6.58
CA ASP A 85 -6.80 -0.91 -7.67
C ASP A 85 -8.02 -1.82 -7.48
N LEU A 86 -8.94 -1.79 -8.46
CA LEU A 86 -10.12 -2.67 -8.45
C LEU A 86 -9.73 -4.13 -8.64
N ARG A 87 -10.29 -5.00 -7.83
CA ARG A 87 -10.01 -6.44 -8.02
C ARG A 87 -11.06 -7.02 -8.97
N GLN A 88 -10.63 -7.73 -10.02
CA GLN A 88 -11.58 -8.40 -10.88
C GLN A 88 -12.48 -9.27 -10.02
N GLU A 89 -13.74 -9.35 -10.43
CA GLU A 89 -14.72 -9.90 -9.51
C GLU A 89 -14.52 -11.40 -9.30
N GLY A 90 -14.83 -11.85 -8.08
CA GLY A 90 -14.76 -13.25 -7.75
C GLY A 90 -13.37 -13.82 -7.70
N ALA A 91 -12.37 -13.08 -8.16
CA ALA A 91 -10.98 -13.53 -8.14
C ALA A 91 -10.56 -14.01 -6.75
N GLN A 92 -9.59 -14.91 -6.73
CA GLN A 92 -9.08 -15.42 -5.46
C GLN A 92 -7.69 -14.90 -5.12
N ARG A 93 -6.89 -14.54 -6.11
CA ARG A 93 -5.62 -13.85 -5.92
C ARG A 93 -5.58 -12.59 -6.77
N PHE A 94 -5.15 -11.50 -6.16
CA PHE A 94 -5.03 -10.21 -6.82
C PHE A 94 -4.13 -10.33 -8.05
N HIS A 95 -4.43 -9.54 -9.08
CA HIS A 95 -3.64 -9.58 -10.30
C HIS A 95 -2.21 -9.14 -10.04
N HIS A 96 -1.31 -9.57 -10.94
CA HIS A 96 0.08 -9.13 -11.03
C HIS A 96 0.20 -7.82 -11.85
N HIS A 97 1.32 -7.10 -11.66
CA HIS A 97 1.56 -5.94 -12.52
C HIS A 97 2.95 -5.99 -13.06
N LEU A 98 3.09 -5.58 -14.31
CA LEU A 98 4.36 -5.17 -14.88
C LEU A 98 4.34 -3.66 -14.96
N ILE A 99 5.28 -3.03 -14.25
CA ILE A 99 5.54 -1.60 -14.30
C ILE A 99 6.78 -1.36 -15.14
N CYS A 100 6.77 -0.30 -15.92
CA CYS A 100 7.92 0.14 -16.69
C CYS A 100 8.63 1.26 -15.94
N THR A 101 9.94 1.15 -15.82
CA THR A 101 10.70 2.13 -15.05
C THR A 101 11.32 3.17 -15.98
N GLN A 102 10.47 3.92 -16.64
CA GLN A 102 10.91 4.87 -17.66
C GLN A 102 9.66 5.52 -18.24
N CYS A 103 9.10 4.85 -19.25
CA CYS A 103 7.81 5.29 -19.81
C CYS A 103 6.72 5.24 -18.74
N GLY A 104 6.76 4.23 -17.87
CA GLY A 104 5.81 4.12 -16.77
C GLY A 104 4.51 3.42 -17.10
N ALA A 105 4.50 2.54 -18.11
CA ALA A 105 3.32 1.73 -18.38
C ALA A 105 3.11 0.71 -17.27
N VAL A 106 1.84 0.35 -17.06
CA VAL A 106 1.46 -0.63 -16.06
C VAL A 106 0.55 -1.63 -16.73
N GLN A 107 0.89 -2.91 -16.61
CA GLN A 107 0.11 -4.00 -17.21
C GLN A 107 -0.45 -4.89 -16.11
N GLU A 108 -1.76 -4.81 -15.89
CA GLU A 108 -2.36 -5.84 -15.06
C GLU A 108 -2.19 -7.20 -15.75
N ILE A 109 -1.93 -8.25 -14.94
CA ILE A 109 -1.82 -9.64 -15.43
C ILE A 109 -2.99 -10.42 -14.86
N GLN A 110 -3.94 -10.82 -15.71
CA GLN A 110 -5.18 -11.47 -15.21
C GLN A 110 -4.93 -12.93 -14.76
N GLU A 111 -4.01 -13.64 -15.40
CA GLU A 111 -3.72 -15.01 -14.98
C GLU A 111 -3.01 -15.00 -13.62
N ASP A 112 -2.81 -16.20 -13.04
CA ASP A 112 -2.15 -16.32 -11.75
C ASP A 112 -0.91 -17.16 -11.93
N LEU A 113 0.25 -16.54 -12.03
CA LEU A 113 1.47 -17.30 -12.36
C LEU A 113 2.17 -17.83 -11.10
N LEU A 114 1.62 -17.61 -9.91
CA LEU A 114 2.36 -17.97 -8.67
C LEU A 114 1.85 -19.28 -8.06
N GLY A 115 0.98 -20.01 -8.76
CA GLY A 115 0.41 -21.24 -8.18
C GLY A 115 1.47 -22.17 -7.65
N GLU A 116 2.31 -22.70 -8.55
CA GLU A 116 3.35 -23.66 -8.12
C GLU A 116 4.11 -23.03 -6.97
N VAL A 117 4.39 -21.74 -7.08
CA VAL A 117 5.20 -21.10 -6.04
C VAL A 117 4.46 -20.99 -4.71
N GLU A 118 3.22 -20.50 -4.71
CA GLU A 118 2.40 -20.60 -3.50
C GLU A 118 2.59 -21.97 -2.87
N ARG A 119 2.42 -23.02 -3.66
CA ARG A 119 2.52 -24.36 -3.08
C ARG A 119 3.88 -24.60 -2.45
N LYS A 120 4.96 -24.00 -2.99
CA LYS A 120 6.30 -24.20 -2.42
C LYS A 120 6.47 -23.47 -1.08
N VAL A 121 6.12 -22.19 -1.02
CA VAL A 121 6.19 -21.46 0.24
C VAL A 121 5.29 -22.11 1.30
N GLU A 122 4.10 -22.52 0.89
CA GLU A 122 3.20 -23.11 1.86
C GLU A 122 3.88 -24.30 2.51
N HIS A 123 4.56 -25.12 1.70
CA HIS A 123 5.36 -26.26 2.17
C HIS A 123 6.56 -25.84 3.02
N ASP A 124 7.49 -25.13 2.38
CA ASP A 124 8.80 -24.90 2.96
C ASP A 124 8.71 -24.13 4.29
N TRP A 125 7.76 -23.20 4.41
CA TRP A 125 7.69 -22.31 5.57
C TRP A 125 6.45 -22.56 6.43
N SER A 126 5.78 -23.70 6.21
CA SER A 126 4.62 -24.13 7.00
C SER A 126 3.60 -23.01 7.17
N PHE A 127 3.25 -22.41 6.04
CA PHE A 127 2.48 -21.18 5.94
C PHE A 127 1.15 -21.47 5.26
N LYS A 128 0.16 -20.63 5.50
CA LYS A 128 -1.16 -20.80 4.88
C LYS A 128 -1.48 -19.52 4.12
N VAL A 129 -1.10 -19.48 2.85
CA VAL A 129 -1.28 -18.29 2.02
C VAL A 129 -2.77 -18.10 1.69
N LYS A 130 -3.26 -16.84 1.83
CA LYS A 130 -4.62 -16.46 1.44
C LYS A 130 -4.69 -15.38 0.35
N ASP A 131 -3.59 -14.72 0.00
CA ASP A 131 -3.55 -13.89 -1.20
C ASP A 131 -2.09 -13.51 -1.42
N HIS A 132 -1.81 -12.79 -2.52
CA HIS A 132 -0.45 -12.33 -2.79
C HIS A 132 -0.47 -11.05 -3.62
N ARG A 133 0.71 -10.40 -3.66
CA ARG A 133 0.88 -9.16 -4.46
C ARG A 133 2.24 -9.29 -5.16
N LEU A 134 2.24 -9.47 -6.49
CA LEU A 134 3.46 -9.69 -7.22
C LEU A 134 3.61 -8.52 -8.16
N THR A 135 4.80 -7.93 -8.22
CA THR A 135 5.00 -6.87 -9.21
C THR A 135 6.40 -7.01 -9.79
N PHE A 136 6.53 -6.82 -11.10
CA PHE A 136 7.83 -6.79 -11.71
C PHE A 136 8.13 -5.36 -12.10
N HIS A 137 9.43 -5.12 -12.32
CA HIS A 137 9.96 -3.82 -12.73
C HIS A 137 10.98 -4.04 -13.81
N GLY A 138 10.87 -3.27 -14.89
CA GLY A 138 11.71 -3.51 -16.04
C GLY A 138 11.32 -2.69 -17.25
N ILE A 139 12.29 -2.28 -18.05
CA ILE A 139 11.97 -1.46 -19.20
C ILE A 139 11.17 -2.32 -20.18
N CYS A 140 10.00 -1.80 -20.60
CA CYS A 140 8.98 -2.62 -21.25
C CYS A 140 9.24 -2.87 -22.74
N LYS A 141 8.32 -3.61 -23.36
CA LYS A 141 8.53 -4.13 -24.70
C LYS A 141 8.88 -3.03 -25.67
N ASN A 142 8.07 -1.97 -25.68
CA ASN A 142 8.23 -0.89 -26.63
C ASN A 142 9.39 0.05 -26.29
N CYS A 143 9.84 0.09 -25.02
CA CYS A 143 11.04 0.85 -24.71
C CYS A 143 12.31 0.11 -25.06
N GLN A 144 12.22 -1.16 -25.43
CA GLN A 144 13.37 -1.83 -25.99
C GLN A 144 13.60 -1.38 -27.43
N GLU A 145 12.52 -1.02 -28.13
CA GLU A 145 12.54 -0.78 -29.56
C GLU A 145 12.39 0.69 -29.93
N ASN A 146 12.36 1.59 -28.95
CA ASN A 146 12.41 3.02 -29.17
C ASN A 146 13.64 3.67 -28.55
N GLU A 147 14.44 2.91 -27.82
CA GLU A 147 15.84 3.23 -27.55
C GLU A 147 16.73 2.23 -28.27
N THR A 148 16.21 1.71 -29.41
CA THR A 148 17.00 1.20 -30.53
C THR A 148 16.83 2.11 -31.74
N ASP A 149 16.06 3.20 -31.58
CA ASP A 149 16.03 4.34 -32.48
C ASP A 149 16.62 5.58 -31.83
N GLU A 150 17.25 5.44 -30.66
CA GLU A 150 17.85 6.57 -29.96
C GLU A 150 19.26 6.21 -29.48
N LYS A 151 20.05 5.58 -30.36
CA LYS A 151 21.48 5.40 -30.11
C LYS A 151 22.29 5.21 -31.41
N MET B 1 2.39 40.52 3.67
CA MET B 1 2.04 39.16 3.29
C MET B 1 3.16 38.50 2.50
N GLU B 2 3.70 39.21 1.50
CA GLU B 2 4.73 38.61 0.64
C GLU B 2 5.91 38.10 1.46
N GLU B 3 6.24 38.83 2.52
CA GLU B 3 7.33 38.41 3.43
C GLU B 3 6.71 37.53 4.52
N ARG B 4 5.39 37.65 4.75
CA ARG B 4 4.73 36.72 5.66
C ARG B 4 4.74 35.32 5.08
N ILE B 5 4.52 35.22 3.77
CA ILE B 5 4.80 34.02 3.02
C ILE B 5 6.17 33.51 3.46
N GLU B 6 7.17 34.38 3.44
CA GLU B 6 8.54 33.95 3.74
C GLU B 6 8.68 33.49 5.20
N ARG B 7 8.14 34.26 6.14
CA ARG B 7 8.26 33.88 7.53
C ARG B 7 7.75 32.46 7.77
N ILE B 8 6.54 32.19 7.27
CA ILE B 8 5.92 30.86 7.33
C ILE B 8 6.81 29.82 6.66
N LYS B 9 7.34 30.13 5.48
CA LYS B 9 8.25 29.23 4.78
C LYS B 9 9.33 28.71 5.72
N LYS B 10 10.14 29.64 6.25
CA LYS B 10 11.25 29.29 7.12
C LYS B 10 10.79 28.67 8.43
N GLN B 11 9.56 28.98 8.88
CA GLN B 11 8.96 28.20 9.94
C GLN B 11 8.85 26.75 9.53
N LEU B 12 8.22 26.49 8.38
CA LEU B 12 7.95 25.11 7.96
C LEU B 12 9.25 24.36 7.73
N HIS B 13 10.18 24.96 7.00
CA HIS B 13 11.44 24.32 6.66
C HIS B 13 12.22 23.98 7.93
N ALA B 14 12.28 24.91 8.89
CA ALA B 14 12.85 24.64 10.22
C ALA B 14 12.20 23.43 10.82
N ALA B 15 10.87 23.40 10.79
CA ALA B 15 10.14 22.31 11.43
C ALA B 15 10.52 20.99 10.80
N SER B 16 11.07 21.01 9.60
CA SER B 16 11.33 19.76 8.89
C SER B 16 12.68 19.14 9.26
N TYR B 17 13.76 19.91 9.35
CA TYR B 17 15.00 19.30 9.80
C TYR B 17 15.28 19.49 11.29
N LYS B 18 14.90 20.61 11.91
CA LYS B 18 15.04 20.71 13.35
C LYS B 18 14.24 19.60 14.03
N LEU B 19 14.91 18.67 14.71
CA LEU B 19 14.23 17.52 15.28
C LEU B 19 14.11 17.65 16.79
N THR B 20 12.88 17.69 17.29
CA THR B 20 12.69 17.54 18.72
C THR B 20 13.15 16.15 19.15
N PRO B 21 13.51 15.96 20.41
CA PRO B 21 13.76 14.60 20.90
C PRO B 21 12.50 13.74 20.94
N GLN B 22 11.31 14.35 20.84
CA GLN B 22 10.11 13.58 20.54
C GLN B 22 10.17 12.96 19.16
N ARG B 23 10.43 13.79 18.15
CA ARG B 23 10.61 13.22 16.80
C ARG B 23 11.80 12.28 16.82
N GLU B 24 12.93 12.74 17.33
CA GLU B 24 14.14 11.92 17.31
C GLU B 24 13.87 10.51 17.81
N ALA B 25 12.92 10.33 18.72
CA ALA B 25 12.67 9.00 19.26
C ALA B 25 12.03 8.08 18.22
N THR B 26 11.05 8.61 17.48
CA THR B 26 10.45 7.81 16.40
C THR B 26 11.53 7.36 15.41
N VAL B 27 12.50 8.24 15.12
CA VAL B 27 13.61 7.86 14.25
C VAL B 27 14.46 6.77 14.90
N ARG B 28 14.77 6.89 16.20
CA ARG B 28 15.52 5.83 16.88
C ARG B 28 14.89 4.45 16.68
N VAL B 29 13.57 4.36 16.87
CA VAL B 29 12.84 3.10 16.71
C VAL B 29 12.87 2.63 15.26
N LEU B 30 13.03 3.55 14.29
CA LEU B 30 13.18 3.14 12.89
C LEU B 30 14.58 2.58 12.64
N LEU B 31 15.60 3.27 13.13
CA LEU B 31 16.96 2.82 12.86
C LEU B 31 17.26 1.54 13.61
N GLU B 32 16.61 1.33 14.77
CA GLU B 32 16.88 0.15 15.56
C GLU B 32 16.18 -1.09 15.02
N ASN B 33 15.46 -0.97 13.90
CA ASN B 33 14.76 -2.12 13.33
C ASN B 33 14.76 -2.17 11.80
N GLU B 34 15.93 -1.96 11.16
CA GLU B 34 15.95 -1.65 9.72
C GLU B 34 15.27 -2.73 8.88
N GLU B 35 15.67 -4.00 9.06
CA GLU B 35 15.08 -5.06 8.25
C GLU B 35 13.57 -5.15 8.46
N ASP B 36 13.12 -4.97 9.70
CA ASP B 36 11.72 -5.06 10.06
C ASP B 36 10.90 -4.04 9.27
N HIS B 37 9.63 -4.40 8.95
CA HIS B 37 8.75 -3.51 8.17
C HIS B 37 7.61 -3.06 9.10
N LEU B 38 7.81 -1.90 9.74
CA LEU B 38 7.02 -1.51 10.91
C LEU B 38 5.75 -0.72 10.56
N SER B 39 4.64 -1.12 11.16
CA SER B 39 3.41 -0.35 11.07
C SER B 39 3.42 0.83 12.04
N ALA B 40 2.39 1.68 11.90
CA ALA B 40 2.21 2.77 12.86
C ALA B 40 1.92 2.23 14.27
N GLU B 41 1.06 1.20 14.41
CA GLU B 41 0.93 0.52 15.70
C GLU B 41 2.29 0.20 16.29
N ASP B 42 3.12 -0.48 15.48
CA ASP B 42 4.45 -0.94 15.87
C ASP B 42 5.32 0.20 16.37
N VAL B 43 5.59 1.18 15.50
CA VAL B 43 6.53 2.22 15.86
C VAL B 43 6.05 2.92 17.11
N TYR B 44 4.75 3.20 17.20
CA TYR B 44 4.15 3.72 18.43
C TYR B 44 4.55 2.92 19.65
N LEU B 45 4.16 1.65 19.70
CA LEU B 45 4.33 0.86 20.92
C LEU B 45 5.80 0.82 21.33
N LEU B 46 6.73 0.78 20.37
CA LEU B 46 8.15 0.72 20.72
C LEU B 46 8.70 2.06 21.19
N VAL B 47 8.24 3.19 20.65
CA VAL B 47 8.59 4.50 21.21
C VAL B 47 8.21 4.56 22.69
N LYS B 48 7.04 4.02 23.05
CA LYS B 48 6.63 3.93 24.46
C LYS B 48 7.54 3.00 25.27
N GLU B 49 8.11 2.02 24.64
CA GLU B 49 9.05 1.29 25.45
C GLU B 49 10.35 2.11 25.74
N LYS B 50 10.50 3.38 25.35
CA LYS B 50 11.48 4.25 25.99
C LYS B 50 10.84 5.55 26.49
N SER B 51 10.10 6.28 25.64
CA SER B 51 9.55 7.58 26.02
C SER B 51 8.04 7.57 25.87
N PRO B 52 7.33 7.17 26.88
CA PRO B 52 5.87 7.03 26.75
C PRO B 52 5.05 8.29 27.09
N GLU B 53 5.65 9.46 27.14
CA GLU B 53 4.88 10.69 27.14
C GLU B 53 4.47 11.08 25.73
N ILE B 54 4.84 10.27 24.75
CA ILE B 54 5.03 10.71 23.38
C ILE B 54 3.70 11.13 22.74
N GLY B 55 2.69 10.26 22.82
CA GLY B 55 1.44 10.49 22.11
C GLY B 55 1.44 9.77 20.75
N LEU B 56 0.38 9.01 20.41
CA LEU B 56 0.38 8.31 19.14
C LEU B 56 0.41 9.29 17.98
N ALA B 57 -0.42 10.35 18.06
CA ALA B 57 -0.52 11.29 16.94
C ALA B 57 0.85 11.90 16.60
N THR B 58 1.60 12.29 17.64
CA THR B 58 2.98 12.68 17.40
C THR B 58 3.74 11.63 16.57
N VAL B 59 3.57 10.34 16.89
CA VAL B 59 4.38 9.30 16.24
C VAL B 59 4.00 9.26 14.77
N TYR B 60 2.70 9.29 14.51
CA TYR B 60 2.17 9.25 13.17
C TYR B 60 2.69 10.45 12.38
N ARG B 61 2.44 11.66 12.88
CA ARG B 61 2.86 12.86 12.17
C ARG B 61 4.31 12.78 11.82
N THR B 62 5.13 12.32 12.76
CA THR B 62 6.56 12.18 12.49
C THR B 62 6.82 11.22 11.35
N LEU B 63 6.22 10.02 11.39
CA LEU B 63 6.37 9.08 10.29
C LEU B 63 5.96 9.74 8.98
N GLU B 64 4.80 10.39 8.98
CA GLU B 64 4.23 11.01 7.80
C GLU B 64 5.11 12.12 7.28
N LEU B 65 5.91 12.70 8.18
CA LEU B 65 6.89 13.68 7.76
C LEU B 65 8.05 12.98 7.06
N LEU B 66 8.51 11.86 7.61
CA LEU B 66 9.67 11.19 7.05
C LEU B 66 9.38 10.72 5.63
N SER B 67 8.19 10.17 5.43
CA SER B 67 7.83 9.57 4.16
C SER B 67 7.61 10.61 3.06
N GLU B 68 7.07 11.78 3.42
CA GLU B 68 7.13 12.90 2.50
C GLU B 68 8.56 13.16 2.04
N LEU B 69 9.44 13.30 3.01
CA LEU B 69 10.77 13.81 2.76
C LEU B 69 11.72 12.70 2.33
N LYS B 70 11.14 11.59 1.87
CA LYS B 70 11.85 10.47 1.31
C LYS B 70 13.04 10.12 2.20
N VAL B 71 12.69 9.74 3.42
CA VAL B 71 13.62 9.08 4.33
C VAL B 71 13.09 7.71 4.73
N VAL B 72 11.77 7.57 4.91
CA VAL B 72 11.12 6.27 4.91
C VAL B 72 10.12 6.23 3.76
N ASP B 73 9.59 5.03 3.52
CA ASP B 73 8.55 4.77 2.53
C ASP B 73 7.33 4.19 3.20
N LYS B 74 6.19 4.87 3.10
CA LYS B 74 4.96 4.15 3.28
C LYS B 74 4.90 3.06 2.21
N ILE B 75 4.43 1.88 2.60
CA ILE B 75 4.15 0.78 1.68
C ILE B 75 2.88 0.11 2.17
N ASN B 76 2.02 -0.29 1.26
CA ASN B 76 1.01 -1.26 1.59
C ASN B 76 1.35 -2.53 0.81
N PHE B 77 1.75 -3.60 1.53
CA PHE B 77 1.95 -4.91 0.92
C PHE B 77 0.67 -5.69 0.77
N GLY B 78 -0.47 -5.09 1.09
CA GLY B 78 -1.73 -5.78 0.94
C GLY B 78 -2.22 -6.53 2.16
N ASP B 79 -1.63 -6.32 3.32
CA ASP B 79 -2.30 -6.81 4.50
C ASP B 79 -3.25 -5.77 5.05
N GLY B 80 -3.41 -4.65 4.34
CA GLY B 80 -4.34 -3.65 4.78
C GLY B 80 -3.78 -2.71 5.82
N VAL B 81 -2.46 -2.63 5.95
CA VAL B 81 -1.82 -1.71 6.85
C VAL B 81 -0.62 -1.10 6.14
N SER B 82 -0.52 0.24 6.22
CA SER B 82 0.63 0.96 5.68
C SER B 82 1.82 0.74 6.58
N ARG B 83 2.96 0.38 5.99
CA ARG B 83 4.16 0.07 6.75
C ARG B 83 5.28 1.01 6.36
N TYR B 84 5.97 1.52 7.37
CA TYR B 84 7.00 2.51 7.17
C TYR B 84 8.33 1.79 7.30
N ASP B 85 8.99 1.64 6.17
CA ASP B 85 10.28 1.01 6.03
C ASP B 85 11.27 2.08 5.62
N LEU B 86 12.41 2.12 6.29
CA LEU B 86 13.40 3.15 5.99
C LEU B 86 13.96 2.99 4.58
N ARG B 87 14.48 4.07 4.02
CA ARG B 87 15.30 3.99 2.83
C ARG B 87 16.68 4.58 3.16
N GLN B 88 17.56 3.69 3.66
CA GLN B 88 18.94 4.12 3.99
C GLN B 88 19.49 4.41 2.61
N GLU B 89 19.09 3.57 1.67
CA GLU B 89 19.41 3.85 0.29
C GLU B 89 19.31 5.34 0.01
N ARG B 93 17.49 -9.00 -7.23
CA ARG B 93 16.06 -8.85 -7.03
C ARG B 93 15.77 -8.63 -5.58
N PHE B 94 14.91 -7.64 -5.32
CA PHE B 94 14.37 -7.47 -3.99
C PHE B 94 13.74 -8.77 -3.51
N HIS B 95 13.84 -9.01 -2.19
CA HIS B 95 13.42 -10.26 -1.57
C HIS B 95 11.90 -10.39 -1.55
N HIS B 96 11.45 -11.42 -0.86
CA HIS B 96 10.04 -11.73 -0.71
C HIS B 96 9.65 -11.57 0.76
N HIS B 97 8.34 -11.59 1.02
CA HIS B 97 7.77 -11.40 2.34
C HIS B 97 6.65 -12.39 2.54
N LEU B 98 6.57 -12.96 3.73
CA LEU B 98 5.33 -13.59 4.19
C LEU B 98 4.81 -12.73 5.33
N ILE B 99 3.60 -12.20 5.21
CA ILE B 99 3.10 -11.27 6.22
C ILE B 99 1.81 -11.87 6.75
N CYS B 100 1.86 -12.28 8.02
CA CYS B 100 0.68 -12.87 8.69
C CYS B 100 -0.40 -11.79 8.88
N THR B 101 -1.62 -12.10 8.46
CA THR B 101 -2.73 -11.13 8.54
C THR B 101 -3.42 -11.31 9.87
N GLN B 102 -2.65 -11.35 10.96
CA GLN B 102 -3.23 -11.50 12.32
C GLN B 102 -2.16 -11.12 13.33
N CYS B 103 -1.16 -11.97 13.47
CA CYS B 103 -0.08 -11.71 14.45
C CYS B 103 0.99 -10.81 13.81
N GLY B 104 0.77 -10.38 12.56
CA GLY B 104 1.71 -9.46 11.92
C GLY B 104 3.12 -9.99 11.77
N ALA B 105 3.29 -11.32 11.83
CA ALA B 105 4.60 -11.94 11.72
C ALA B 105 5.14 -11.87 10.29
N VAL B 106 6.19 -11.08 10.10
CA VAL B 106 6.91 -10.96 8.83
C VAL B 106 7.98 -12.05 8.76
N GLN B 107 8.20 -12.59 7.56
CA GLN B 107 9.34 -13.49 7.30
C GLN B 107 9.88 -13.19 5.90
N GLU B 108 11.13 -12.79 5.81
CA GLU B 108 11.76 -12.61 4.51
C GLU B 108 12.22 -13.95 3.94
N ILE B 109 12.12 -14.09 2.63
CA ILE B 109 12.64 -15.26 1.95
C ILE B 109 13.94 -14.84 1.28
N GLN B 110 15.04 -15.48 1.69
CA GLN B 110 16.33 -15.11 1.12
C GLN B 110 16.47 -15.63 -0.31
N GLU B 111 15.73 -16.68 -0.67
CA GLU B 111 15.87 -17.34 -1.97
C GLU B 111 15.13 -16.56 -3.05
N ASP B 112 15.24 -17.03 -4.29
CA ASP B 112 14.52 -16.39 -5.38
C ASP B 112 13.75 -17.48 -6.09
N LEU B 113 12.47 -17.58 -5.77
CA LEU B 113 11.65 -18.67 -6.22
C LEU B 113 11.02 -18.40 -7.57
N LEU B 114 11.26 -17.20 -8.13
CA LEU B 114 10.47 -16.76 -9.28
C LEU B 114 11.02 -17.39 -10.55
N GLY B 115 12.23 -17.00 -10.96
CA GLY B 115 12.88 -17.74 -12.02
C GLY B 115 11.95 -18.04 -13.19
N GLU B 116 11.55 -19.32 -13.23
CA GLU B 116 10.53 -19.81 -14.14
C GLU B 116 9.43 -18.79 -14.43
N VAL B 117 8.90 -18.12 -13.41
CA VAL B 117 7.87 -17.12 -13.66
C VAL B 117 8.44 -15.89 -14.37
N GLU B 118 9.50 -15.30 -13.79
CA GLU B 118 10.23 -14.20 -14.41
C GLU B 118 10.46 -14.40 -15.90
N ARG B 119 10.94 -15.59 -16.29
CA ARG B 119 11.19 -15.87 -17.71
C ARG B 119 9.88 -15.95 -18.48
N LYS B 120 8.90 -16.73 -17.98
CA LYS B 120 7.61 -16.83 -18.63
C LYS B 120 7.06 -15.45 -18.99
N VAL B 121 7.05 -14.55 -18.00
CA VAL B 121 6.60 -13.19 -18.23
C VAL B 121 7.32 -12.66 -19.44
N GLU B 122 8.67 -12.65 -19.37
CA GLU B 122 9.48 -12.07 -20.44
C GLU B 122 8.99 -12.54 -21.79
N HIS B 123 9.02 -13.86 -22.02
CA HIS B 123 8.47 -14.44 -23.25
C HIS B 123 7.06 -13.96 -23.55
N ASP B 124 6.18 -13.98 -22.53
CA ASP B 124 4.75 -13.84 -22.76
C ASP B 124 4.36 -12.40 -23.07
N TRP B 125 5.13 -11.43 -22.56
CA TRP B 125 4.86 -10.00 -22.64
C TRP B 125 5.97 -9.20 -23.32
N SER B 126 7.09 -9.85 -23.66
CA SER B 126 8.27 -9.20 -24.19
C SER B 126 8.64 -8.04 -23.28
N PHE B 127 8.94 -8.42 -22.06
CA PHE B 127 9.27 -7.51 -20.99
C PHE B 127 10.65 -7.88 -20.49
N LYS B 128 11.45 -6.88 -20.18
CA LYS B 128 12.79 -7.10 -19.68
C LYS B 128 12.70 -6.85 -18.18
N VAL B 129 12.68 -7.92 -17.41
CA VAL B 129 12.58 -7.76 -15.97
C VAL B 129 13.91 -7.23 -15.46
N LYS B 130 13.83 -6.40 -14.42
CA LYS B 130 14.98 -5.91 -13.66
C LYS B 130 14.82 -6.20 -12.16
N ASP B 131 13.67 -5.88 -11.58
CA ASP B 131 13.49 -6.05 -10.14
C ASP B 131 12.13 -6.68 -9.87
N HIS B 132 11.95 -7.29 -8.68
CA HIS B 132 10.64 -7.84 -8.39
C HIS B 132 10.36 -7.97 -6.89
N ARG B 133 9.15 -7.60 -6.50
CA ARG B 133 8.76 -7.51 -5.10
C ARG B 133 7.48 -8.32 -4.86
N LEU B 134 7.61 -9.45 -4.17
CA LEU B 134 6.45 -10.35 -3.91
C LEU B 134 6.11 -10.40 -2.41
N THR B 135 4.82 -10.34 -2.07
CA THR B 135 4.38 -10.45 -0.67
C THR B 135 3.26 -11.45 -0.57
N PHE B 136 3.30 -12.34 0.43
CA PHE B 136 2.27 -13.38 0.60
C PHE B 136 1.44 -13.08 1.83
N HIS B 137 0.16 -13.46 1.81
CA HIS B 137 -0.74 -13.17 2.92
C HIS B 137 -1.31 -14.47 3.44
N GLY B 138 -0.93 -14.84 4.66
CA GLY B 138 -1.62 -15.95 5.30
C GLY B 138 -1.24 -16.28 6.72
N ILE B 139 -2.23 -16.40 7.61
CA ILE B 139 -2.01 -16.57 9.06
C ILE B 139 -0.95 -17.64 9.29
N CYS B 140 0.12 -17.30 10.01
CA CYS B 140 1.39 -18.01 9.90
C CYS B 140 1.40 -19.28 10.76
N LYS B 141 2.49 -20.04 10.64
CA LYS B 141 2.65 -21.34 11.28
C LYS B 141 2.13 -21.36 12.70
N ASN B 142 2.63 -20.41 13.48
CA ASN B 142 2.38 -20.41 14.91
C ASN B 142 0.94 -20.06 15.24
N CYS B 143 0.30 -19.24 14.42
CA CYS B 143 -1.10 -18.92 14.70
C CYS B 143 -2.02 -20.08 14.27
N GLN B 144 -1.57 -20.91 13.33
CA GLN B 144 -2.32 -22.10 12.98
C GLN B 144 -2.36 -23.10 14.14
N GLU B 145 -1.57 -22.88 15.18
CA GLU B 145 -1.53 -23.72 16.36
C GLU B 145 -1.92 -22.99 17.65
N ASN B 146 -2.17 -21.68 17.59
CA ASN B 146 -2.60 -20.90 18.76
C ASN B 146 -3.87 -20.09 18.48
ZN ZN C . -3.89 -3.20 -11.20
ZN ZN D . 8.12 1.37 -21.26
ZN ZN E . 11.30 -7.56 3.93
ZN ZN F . 1.26 -15.35 12.49
MG MG G . 14.19 -12.88 -10.08
#